data_1B6Z
#
_entry.id   1B6Z
#
_cell.length_a   121.500
_cell.length_b   121.500
_cell.length_c   61.250
_cell.angle_alpha   90.00
_cell.angle_beta   90.00
_cell.angle_gamma   120.00
#
_symmetry.space_group_name_H-M   'P 3 2 1'
#
loop_
_entity.id
_entity.type
_entity.pdbx_description
1 polymer '6-pyruvoyl tetrahydropterin synthase'
2 non-polymer 'ZINC ION'
3 water water
#
_entity_poly.entity_id   1
_entity_poly.type   'polypeptide(L)'
_entity_poly.pdbx_seq_one_letter_code
;VGLRRRARLSRLVSFSASHRLHSPSLSAEENLKVFGKCNNPNGHGHNYKVVVTIHGEIDPVTGMVMNLTDLKEYMEEAIM
KPLDHKNLDLDVPYFADVVSTTENVAVYIWENLQRLLPVGALYKVKVYETDNNIVVYKGE
;
_entity_poly.pdbx_strand_id   A,B
#
loop_
_chem_comp.id
_chem_comp.type
_chem_comp.name
_chem_comp.formula
ZN non-polymer 'ZINC ION' 'Zn 2'
#
# COMPACT_ATOMS: atom_id res chain seq x y z
N LEU A 3 7.39 -16.37 -0.41
CA LEU A 3 6.90 -15.16 -1.05
C LEU A 3 7.89 -14.71 -2.16
N ARG A 4 7.88 -13.44 -2.50
CA ARG A 4 8.80 -12.89 -3.49
C ARG A 4 9.36 -11.58 -2.90
N ARG A 5 10.64 -11.29 -3.16
CA ARG A 5 11.30 -10.08 -2.66
C ARG A 5 10.66 -8.80 -3.21
N ARG A 6 10.58 -7.76 -2.39
CA ARG A 6 9.99 -6.49 -2.83
C ARG A 6 11.07 -5.42 -2.97
N ALA A 7 10.95 -4.58 -3.99
CA ALA A 7 11.94 -3.52 -4.22
C ALA A 7 11.30 -2.25 -4.76
N ARG A 8 12.10 -1.19 -4.83
CA ARG A 8 11.61 0.08 -5.38
C ARG A 8 12.36 0.38 -6.66
N LEU A 9 11.62 0.68 -7.73
CA LEU A 9 12.19 0.97 -9.04
C LEU A 9 11.88 2.43 -9.38
N SER A 10 12.94 3.16 -9.69
CA SER A 10 12.85 4.57 -10.04
C SER A 10 13.37 4.88 -11.45
N ARG A 11 12.76 5.90 -12.04
CA ARG A 11 13.14 6.35 -13.37
C ARG A 11 13.10 7.87 -13.36
N LEU A 12 14.12 8.48 -13.94
CA LEU A 12 14.21 9.94 -13.96
C LEU A 12 13.89 10.49 -15.36
N VAL A 13 13.21 11.63 -15.40
CA VAL A 13 12.88 12.32 -16.65
C VAL A 13 12.97 13.83 -16.40
N SER A 14 13.07 14.61 -17.47
CA SER A 14 13.12 16.05 -17.32
C SER A 14 12.30 16.74 -18.41
N PHE A 15 11.73 17.89 -18.05
CA PHE A 15 10.93 18.69 -18.96
C PHE A 15 11.21 20.19 -18.72
N SER A 16 11.01 21.00 -19.75
CA SER A 16 11.20 22.46 -19.71
C SER A 16 9.85 23.15 -19.69
N ALA A 17 9.65 24.02 -18.71
CA ALA A 17 8.37 24.74 -18.60
C ALA A 17 8.58 26.07 -17.92
N SER A 18 7.67 27.01 -18.18
CA SER A 18 7.73 28.31 -17.55
C SER A 18 6.51 28.51 -16.66
N HIS A 19 6.59 29.45 -15.74
CA HIS A 19 5.46 29.77 -14.89
C HIS A 19 5.74 31.08 -14.18
N ARG A 20 4.78 31.47 -13.36
CA ARG A 20 4.86 32.68 -12.54
C ARG A 20 4.15 32.31 -11.26
N LEU A 21 4.79 32.57 -10.14
CA LEU A 21 4.13 32.29 -8.86
C LEU A 21 3.23 33.50 -8.52
N HIS A 22 1.91 33.30 -8.55
CA HIS A 22 0.96 34.36 -8.27
C HIS A 22 -0.38 33.82 -7.76
N SER A 23 -0.94 34.45 -6.73
CA SER A 23 -2.25 34.08 -6.19
C SER A 23 -3.25 35.22 -6.26
N PRO A 24 -4.43 34.99 -6.86
CA PRO A 24 -5.46 36.04 -6.95
C PRO A 24 -6.05 36.36 -5.57
N SER A 25 -5.80 35.50 -4.58
CA SER A 25 -6.30 35.71 -3.22
C SER A 25 -5.43 36.68 -2.46
N LEU A 26 -4.30 37.05 -3.06
CA LEU A 26 -3.37 37.98 -2.44
C LEU A 26 -3.32 39.22 -3.34
N SER A 27 -3.07 40.38 -2.74
CA SER A 27 -3.02 41.63 -3.48
C SER A 27 -1.72 41.71 -4.25
N ALA A 28 -1.63 42.71 -5.11
CA ALA A 28 -0.41 42.91 -5.90
C ALA A 28 0.83 42.98 -4.98
N GLU A 29 0.69 43.67 -3.84
CA GLU A 29 1.81 43.81 -2.90
C GLU A 29 2.08 42.56 -2.09
N GLU A 30 1.03 41.86 -1.67
CA GLU A 30 1.23 40.64 -0.88
C GLU A 30 1.94 39.61 -1.75
N ASN A 31 1.50 39.47 -3.00
CA ASN A 31 2.12 38.54 -3.95
C ASN A 31 3.61 38.83 -4.15
N LEU A 32 3.99 40.10 -4.11
CA LEU A 32 5.38 40.51 -4.25
C LEU A 32 6.18 40.17 -3.00
N LYS A 33 5.60 40.39 -1.83
CA LYS A 33 6.28 40.08 -0.57
C LYS A 33 6.50 38.56 -0.40
N VAL A 34 5.45 37.79 -0.67
CA VAL A 34 5.48 36.33 -0.54
C VAL A 34 6.32 35.60 -1.57
N PHE A 35 6.15 35.95 -2.84
CA PHE A 35 6.87 35.32 -3.93
C PHE A 35 8.11 36.02 -4.51
N GLY A 36 8.35 37.28 -4.14
CA GLY A 36 9.51 38.02 -4.65
C GLY A 36 9.78 37.93 -6.15
N LYS A 37 11.02 37.63 -6.53
CA LYS A 37 11.43 37.49 -7.93
C LYS A 37 10.57 36.49 -8.71
N CYS A 38 10.07 35.45 -8.03
CA CYS A 38 9.23 34.43 -8.68
C CYS A 38 7.88 34.97 -9.14
N ASN A 39 7.58 36.20 -8.70
CA ASN A 39 6.34 36.88 -9.04
C ASN A 39 6.48 37.74 -10.31
N ASN A 40 7.71 37.85 -10.85
CA ASN A 40 7.97 38.63 -12.09
C ASN A 40 6.74 38.45 -13.00
N PRO A 41 6.01 39.56 -13.33
CA PRO A 41 4.82 39.42 -14.17
C PRO A 41 4.95 38.67 -15.49
N ASN A 42 6.09 38.75 -16.17
CA ASN A 42 6.24 37.98 -17.40
C ASN A 42 6.67 36.51 -17.20
N GLY A 43 6.90 36.10 -15.96
CA GLY A 43 7.27 34.72 -15.70
C GLY A 43 8.75 34.37 -15.79
N HIS A 44 9.05 33.10 -15.59
CA HIS A 44 10.41 32.57 -15.68
C HIS A 44 10.30 31.04 -15.90
N GLY A 45 11.44 30.34 -15.99
CA GLY A 45 11.35 28.93 -16.29
C GLY A 45 12.38 28.04 -15.65
N HIS A 46 12.19 26.73 -15.84
CA HIS A 46 13.09 25.73 -15.25
C HIS A 46 13.20 24.47 -16.06
N ASN A 47 14.30 23.75 -15.85
CA ASN A 47 14.46 22.44 -16.49
C ASN A 47 14.15 21.57 -15.25
N TYR A 48 12.92 21.11 -15.15
CA TYR A 48 12.48 20.32 -14.02
C TYR A 48 12.99 18.89 -14.17
N LYS A 49 13.35 18.27 -13.06
CA LYS A 49 13.77 16.87 -13.05
C LYS A 49 12.79 16.12 -12.13
N VAL A 50 12.25 15.01 -12.62
CA VAL A 50 11.28 14.22 -11.85
C VAL A 50 11.74 12.77 -11.72
N VAL A 51 11.76 12.27 -10.50
CA VAL A 51 12.11 10.87 -10.26
C VAL A 51 10.83 10.25 -9.76
N VAL A 52 10.32 9.29 -10.51
CA VAL A 52 9.10 8.59 -10.15
C VAL A 52 9.54 7.21 -9.61
N THR A 53 9.02 6.82 -8.44
CA THR A 53 9.37 5.53 -7.85
C THR A 53 8.15 4.64 -7.72
N ILE A 54 8.25 3.40 -8.15
CA ILE A 54 7.16 2.45 -7.97
C ILE A 54 7.78 1.33 -7.13
N HIS A 55 6.95 0.57 -6.43
CA HIS A 55 7.45 -0.52 -5.60
C HIS A 55 6.53 -1.72 -5.79
N GLY A 56 7.09 -2.92 -5.64
CA GLY A 56 6.30 -4.11 -5.79
C GLY A 56 7.22 -5.28 -5.75
N GLU A 57 6.70 -6.47 -5.99
CA GLU A 57 7.53 -7.66 -5.95
C GLU A 57 8.33 -7.81 -7.24
N ILE A 58 9.49 -8.43 -7.10
CA ILE A 58 10.36 -8.69 -8.24
C ILE A 58 9.78 -9.98 -8.84
N ASP A 59 9.42 -9.91 -10.11
CA ASP A 59 8.89 -11.05 -10.84
C ASP A 59 9.93 -12.18 -10.89
N PRO A 60 9.52 -13.42 -10.59
CA PRO A 60 10.44 -14.55 -10.61
C PRO A 60 10.98 -14.95 -11.99
N VAL A 61 10.30 -14.54 -13.06
CA VAL A 61 10.78 -14.91 -14.39
C VAL A 61 11.57 -13.79 -15.06
N THR A 62 10.95 -12.62 -15.21
CA THR A 62 11.61 -11.49 -15.86
C THR A 62 12.57 -10.70 -14.95
N GLY A 63 12.37 -10.83 -13.65
CA GLY A 63 13.22 -10.14 -12.69
C GLY A 63 12.92 -8.65 -12.59
N MET A 64 11.73 -8.23 -12.99
CA MET A 64 11.40 -6.81 -12.95
C MET A 64 10.26 -6.52 -12.01
N VAL A 65 10.29 -5.35 -11.37
CA VAL A 65 9.18 -4.92 -10.48
C VAL A 65 8.05 -4.51 -11.42
N MET A 66 8.43 -3.75 -12.45
CA MET A 66 7.57 -3.26 -13.51
C MET A 66 8.53 -3.07 -14.67
N ASN A 67 8.09 -3.37 -15.88
CA ASN A 67 8.95 -3.21 -17.04
C ASN A 67 9.20 -1.73 -17.26
N LEU A 68 10.47 -1.32 -17.26
CA LEU A 68 10.82 0.09 -17.49
C LEU A 68 10.14 0.65 -18.74
N THR A 69 9.91 -0.19 -19.74
CA THR A 69 9.23 0.22 -20.97
C THR A 69 7.87 0.78 -20.61
N ASP A 70 7.15 0.09 -19.73
CA ASP A 70 5.84 0.55 -19.30
C ASP A 70 5.91 1.79 -18.43
N LEU A 71 6.94 1.87 -17.59
CA LEU A 71 7.14 3.03 -16.72
C LEU A 71 7.37 4.26 -17.59
N LYS A 72 8.18 4.11 -18.63
CA LYS A 72 8.47 5.18 -19.57
C LYS A 72 7.18 5.66 -20.21
N GLU A 73 6.35 4.72 -20.66
CA GLU A 73 5.08 5.04 -21.29
C GLU A 73 4.15 5.81 -20.33
N TYR A 74 4.01 5.35 -19.10
CA TYR A 74 3.15 6.05 -18.13
C TYR A 74 3.63 7.47 -17.87
N MET A 75 4.95 7.63 -17.71
CA MET A 75 5.55 8.95 -17.49
C MET A 75 5.44 9.89 -18.70
N GLU A 76 5.48 9.35 -19.92
CA GLU A 76 5.32 10.16 -21.14
C GLU A 76 3.93 10.76 -21.09
N GLU A 77 2.99 9.90 -20.80
CA GLU A 77 1.60 10.23 -20.70
C GLU A 77 1.23 11.17 -19.53
N ALA A 78 1.76 10.91 -18.35
CA ALA A 78 1.42 11.74 -17.20
C ALA A 78 2.30 12.96 -16.99
N ILE A 79 3.51 12.94 -17.54
CA ILE A 79 4.40 14.08 -17.34
C ILE A 79 4.79 14.82 -18.61
N MET A 80 5.43 14.13 -19.54
CA MET A 80 5.92 14.73 -20.78
C MET A 80 4.89 15.41 -21.67
N LYS A 81 3.83 14.70 -22.05
CA LYS A 81 2.81 15.31 -22.90
C LYS A 81 2.15 16.54 -22.27
N PRO A 82 1.63 16.44 -21.03
CA PRO A 82 1.01 17.67 -20.52
C PRO A 82 1.92 18.81 -20.09
N LEU A 83 3.15 18.49 -19.70
CA LEU A 83 4.03 19.51 -19.18
C LEU A 83 5.25 19.95 -19.97
N ASP A 84 5.78 19.11 -20.83
CA ASP A 84 6.98 19.48 -21.54
C ASP A 84 6.80 20.61 -22.54
N HIS A 85 7.67 21.62 -22.45
CA HIS A 85 7.58 22.77 -23.34
C HIS A 85 6.22 23.49 -23.25
N LYS A 86 5.74 23.66 -22.02
CA LYS A 86 4.49 24.35 -21.72
C LYS A 86 4.71 25.47 -20.68
N ASN A 87 3.74 26.40 -20.61
CA ASN A 87 3.73 27.50 -19.63
C ASN A 87 2.71 26.92 -18.66
N LEU A 88 3.16 26.58 -17.46
CA LEU A 88 2.31 25.94 -16.45
C LEU A 88 0.95 26.57 -16.14
N ASP A 89 0.96 27.87 -15.86
CA ASP A 89 -0.23 28.61 -15.50
C ASP A 89 -1.21 28.87 -16.64
N LEU A 90 -0.71 28.92 -17.87
CA LEU A 90 -1.61 29.18 -18.97
C LEU A 90 -1.89 27.96 -19.85
N ASP A 91 -1.00 26.98 -19.87
CA ASP A 91 -1.22 25.84 -20.73
C ASP A 91 -1.80 24.59 -20.10
N VAL A 92 -1.78 24.49 -18.78
CA VAL A 92 -2.34 23.32 -18.12
C VAL A 92 -3.49 23.71 -17.19
N PRO A 93 -4.73 23.34 -17.60
CA PRO A 93 -5.98 23.63 -16.88
C PRO A 93 -5.87 23.56 -15.37
N TYR A 94 -5.23 22.51 -14.85
CA TYR A 94 -5.06 22.33 -13.41
C TYR A 94 -4.49 23.56 -12.70
N PHE A 95 -3.59 24.31 -13.34
CA PHE A 95 -2.98 25.47 -12.69
C PHE A 95 -3.70 26.81 -12.87
N ALA A 96 -4.93 26.74 -13.36
CA ALA A 96 -5.75 27.93 -13.56
C ALA A 96 -6.01 28.61 -12.22
N ASP A 97 -6.26 27.80 -11.19
CA ASP A 97 -6.52 28.30 -9.84
C ASP A 97 -5.70 27.61 -8.73
N VAL A 98 -4.49 27.18 -9.06
CA VAL A 98 -3.59 26.53 -8.10
C VAL A 98 -2.23 27.14 -8.39
N VAL A 99 -1.60 27.74 -7.38
CA VAL A 99 -0.28 28.35 -7.55
C VAL A 99 0.69 27.24 -8.01
N SER A 100 1.47 27.52 -9.05
CA SER A 100 2.40 26.51 -9.58
C SER A 100 3.71 26.29 -8.84
N THR A 101 3.67 26.19 -7.51
CA THR A 101 4.89 25.91 -6.74
C THR A 101 5.41 24.47 -7.05
N THR A 102 6.63 24.14 -6.62
CA THR A 102 7.18 22.79 -6.85
C THR A 102 6.31 21.74 -6.15
N GLU A 103 5.79 22.12 -4.98
CA GLU A 103 4.90 21.26 -4.19
C GLU A 103 3.69 20.89 -5.05
N ASN A 104 3.05 21.89 -5.64
CA ASN A 104 1.88 21.62 -6.48
C ASN A 104 2.16 20.90 -7.79
N VAL A 105 3.37 21.06 -8.31
CA VAL A 105 3.75 20.36 -9.52
C VAL A 105 3.88 18.87 -9.13
N ALA A 106 4.46 18.60 -7.95
CA ALA A 106 4.60 17.23 -7.47
C ALA A 106 3.22 16.56 -7.27
N VAL A 107 2.30 17.29 -6.64
CA VAL A 107 0.93 16.79 -6.44
C VAL A 107 0.26 16.53 -7.78
N TYR A 108 0.37 17.48 -8.72
CA TYR A 108 -0.22 17.31 -10.05
C TYR A 108 0.30 16.06 -10.72
N ILE A 109 1.61 15.84 -10.65
CA ILE A 109 2.21 14.66 -11.26
C ILE A 109 1.74 13.38 -10.55
N TRP A 110 1.70 13.41 -9.23
CA TRP A 110 1.23 12.26 -8.47
C TRP A 110 -0.19 11.83 -8.95
N GLU A 111 -1.13 12.78 -8.98
CA GLU A 111 -2.50 12.51 -9.38
C GLU A 111 -2.61 11.95 -10.80
N ASN A 112 -1.85 12.52 -11.74
CA ASN A 112 -1.86 12.05 -13.13
C ASN A 112 -1.46 10.58 -13.22
N LEU A 113 -0.37 10.22 -12.52
CA LEU A 113 0.13 8.86 -12.49
C LEU A 113 -0.86 7.90 -11.84
N GLN A 114 -1.49 8.33 -10.74
CA GLN A 114 -2.46 7.48 -10.05
C GLN A 114 -3.55 7.01 -11.00
N ARG A 115 -3.98 7.92 -11.87
CA ARG A 115 -4.99 7.63 -12.87
C ARG A 115 -4.56 6.53 -13.84
N LEU A 116 -3.25 6.36 -14.04
CA LEU A 116 -2.73 5.38 -14.98
C LEU A 116 -2.18 4.07 -14.41
N LEU A 117 -1.43 4.17 -13.33
CA LEU A 117 -0.76 3.01 -12.73
C LEU A 117 -1.64 2.02 -11.98
N PRO A 118 -1.15 0.78 -11.80
CA PRO A 118 -1.86 -0.28 -11.08
C PRO A 118 -2.00 0.17 -9.62
N VAL A 119 -3.10 -0.17 -8.98
CA VAL A 119 -3.31 0.20 -7.57
C VAL A 119 -2.12 -0.25 -6.70
N GLY A 120 -1.61 0.69 -5.89
CA GLY A 120 -0.49 0.39 -5.01
C GLY A 120 0.91 0.42 -5.63
N ALA A 121 0.98 0.65 -6.94
CA ALA A 121 2.26 0.70 -7.65
C ALA A 121 3.09 1.93 -7.29
N LEU A 122 2.46 3.10 -7.29
CA LEU A 122 3.14 4.35 -7.01
C LEU A 122 3.61 4.52 -5.54
N TYR A 123 4.89 4.83 -5.38
CA TYR A 123 5.45 5.01 -4.05
C TYR A 123 5.89 6.45 -3.78
N LYS A 124 6.54 7.08 -4.77
CA LYS A 124 7.04 8.44 -4.55
C LYS A 124 7.22 9.25 -5.82
N VAL A 125 7.06 10.56 -5.70
CA VAL A 125 7.27 11.50 -6.79
C VAL A 125 8.20 12.58 -6.21
N LYS A 126 9.39 12.74 -6.79
CA LYS A 126 10.36 13.73 -6.33
C LYS A 126 10.59 14.69 -7.49
N VAL A 127 10.45 15.99 -7.24
CA VAL A 127 10.61 17.01 -8.26
C VAL A 127 11.73 17.98 -7.91
N TYR A 128 12.72 18.11 -8.79
CA TYR A 128 13.84 19.04 -8.62
C TYR A 128 13.46 20.26 -9.46
N GLU A 129 13.12 21.37 -8.81
CA GLU A 129 12.78 22.59 -9.55
C GLU A 129 14.09 23.14 -10.09
N THR A 130 15.12 23.08 -9.24
CA THR A 130 16.49 23.44 -9.57
C THR A 130 17.31 22.42 -8.78
N ASP A 131 18.63 22.42 -8.91
CA ASP A 131 19.47 21.49 -8.15
C ASP A 131 19.32 21.64 -6.63
N ASN A 132 18.97 22.84 -6.17
CA ASN A 132 18.87 23.15 -4.74
C ASN A 132 17.47 23.21 -4.13
N ASN A 133 16.43 23.11 -4.96
CA ASN A 133 15.04 23.15 -4.47
C ASN A 133 14.34 21.87 -4.93
N ILE A 134 14.02 21.03 -3.95
CA ILE A 134 13.43 19.71 -4.17
C ILE A 134 12.17 19.42 -3.31
N VAL A 135 11.16 18.80 -3.93
CA VAL A 135 9.95 18.40 -3.20
C VAL A 135 9.69 16.91 -3.38
N VAL A 136 9.36 16.25 -2.28
CA VAL A 136 8.98 14.83 -2.31
C VAL A 136 7.51 14.73 -1.88
N TYR A 137 6.71 14.02 -2.66
CA TYR A 137 5.31 13.82 -2.31
C TYR A 137 5.05 12.31 -2.37
N LYS A 138 4.41 11.77 -1.33
CA LYS A 138 4.12 10.34 -1.29
C LYS A 138 2.62 10.06 -1.09
N GLY A 139 1.78 10.98 -1.54
CA GLY A 139 0.34 10.82 -1.42
C GLY A 139 -0.28 11.08 -0.06
N GLU A 140 0.46 11.70 0.87
CA GLU A 140 -0.03 11.97 2.22
C GLU A 140 -0.60 13.37 2.44
CA LEU B 3 -8.05 14.44 -0.45
C LEU B 3 -9.13 13.99 0.55
N ARG B 4 -8.98 12.78 1.07
CA ARG B 4 -9.91 12.25 2.07
C ARG B 4 -9.06 11.70 3.22
N ARG B 5 -9.59 11.74 4.44
CA ARG B 5 -8.85 11.21 5.59
C ARG B 5 -8.75 9.68 5.47
N ARG B 6 -7.65 9.13 5.96
CA ARG B 6 -7.42 7.69 5.92
C ARG B 6 -7.42 7.08 7.33
N ALA B 7 -8.07 5.93 7.49
CA ALA B 7 -8.13 5.27 8.80
C ALA B 7 -7.97 3.75 8.72
N ARG B 8 -7.91 3.11 9.88
CA ARG B 8 -7.83 1.66 9.99
C ARG B 8 -9.13 1.18 10.65
N LEU B 9 -9.76 0.19 10.04
CA LEU B 9 -11.00 -0.38 10.53
C LEU B 9 -10.69 -1.85 10.85
N SER B 10 -10.93 -2.27 12.09
CA SER B 10 -10.70 -3.64 12.52
C SER B 10 -11.98 -4.32 12.99
N ARG B 11 -12.04 -5.64 12.83
CA ARG B 11 -13.17 -6.44 13.25
C ARG B 11 -12.60 -7.68 13.92
N LEU B 12 -13.15 -8.04 15.09
CA LEU B 12 -12.69 -9.22 15.84
C LEU B 12 -13.66 -10.39 15.63
N VAL B 13 -13.11 -11.58 15.52
CA VAL B 13 -13.89 -12.80 15.33
C VAL B 13 -13.16 -13.92 16.09
N SER B 14 -13.88 -14.93 16.58
CA SER B 14 -13.21 -16.06 17.24
C SER B 14 -13.71 -17.37 16.66
N PHE B 15 -12.86 -18.39 16.69
CA PHE B 15 -13.25 -19.70 16.18
C PHE B 15 -12.58 -20.75 17.07
N SER B 16 -13.20 -21.93 17.16
CA SER B 16 -12.68 -23.03 17.97
C SER B 16 -12.10 -24.06 17.04
N ALA B 17 -10.90 -24.55 17.35
CA ALA B 17 -10.25 -25.54 16.50
C ALA B 17 -9.23 -26.36 17.30
N SER B 18 -8.94 -27.56 16.82
CA SER B 18 -7.94 -28.42 17.47
C SER B 18 -6.77 -28.61 16.51
N HIS B 19 -5.62 -29.02 17.04
CA HIS B 19 -4.46 -29.26 16.19
C HIS B 19 -3.39 -29.96 16.98
N ARG B 20 -2.28 -30.23 16.32
CA ARG B 20 -1.17 -30.89 16.98
C ARG B 20 0.04 -30.31 16.30
N LEU B 21 1.04 -29.92 17.09
CA LEU B 21 2.25 -29.36 16.51
C LEU B 21 3.16 -30.54 16.20
N HIS B 22 3.39 -30.77 14.91
CA HIS B 22 4.19 -31.90 14.46
C HIS B 22 4.69 -31.76 13.01
N SER B 23 6.01 -31.86 12.85
CA SER B 23 6.67 -31.77 11.55
C SER B 23 6.96 -33.16 10.96
N PRO B 24 6.48 -33.42 9.72
CA PRO B 24 6.72 -34.72 9.07
C PRO B 24 8.23 -34.87 8.96
N SER B 25 8.87 -33.78 8.54
CA SER B 25 10.31 -33.67 8.36
C SER B 25 11.15 -33.95 9.60
N LEU B 26 10.52 -34.20 10.74
CA LEU B 26 11.30 -34.48 11.93
C LEU B 26 10.95 -35.86 12.46
N SER B 27 11.88 -36.44 13.21
CA SER B 27 11.70 -37.76 13.80
C SER B 27 10.84 -37.55 15.05
N ALA B 28 10.06 -38.57 15.40
CA ALA B 28 9.19 -38.53 16.57
C ALA B 28 9.81 -37.86 17.82
N GLU B 29 11.08 -38.16 18.11
CA GLU B 29 11.74 -37.59 19.30
C GLU B 29 12.19 -36.14 19.14
N GLU B 30 12.58 -35.76 17.92
CA GLU B 30 12.99 -34.39 17.62
C GLU B 30 11.71 -33.55 17.82
N ASN B 31 10.60 -34.07 17.28
CA ASN B 31 9.29 -33.44 17.38
C ASN B 31 8.94 -33.15 18.86
N LEU B 32 9.18 -34.14 19.72
CA LEU B 32 8.91 -34.03 21.16
C LEU B 32 9.75 -32.95 21.83
N LYS B 33 11.04 -32.89 21.50
CA LYS B 33 11.92 -31.90 22.08
C LYS B 33 11.52 -30.47 21.66
N VAL B 34 11.20 -30.31 20.37
CA VAL B 34 10.81 -29.03 19.82
C VAL B 34 9.45 -28.54 20.31
N PHE B 35 8.45 -29.39 20.13
CA PHE B 35 7.07 -29.04 20.47
C PHE B 35 6.51 -29.36 21.87
N GLY B 36 7.20 -30.21 22.62
CA GLY B 36 6.76 -30.57 23.96
C GLY B 36 5.34 -31.15 24.04
N LYS B 37 4.53 -30.59 24.95
CA LYS B 37 3.16 -31.04 25.11
C LYS B 37 2.29 -30.69 23.94
N CYS B 38 2.74 -29.73 23.13
CA CYS B 38 1.98 -29.32 21.93
C CYS B 38 2.03 -30.45 20.89
N ASN B 39 2.86 -31.44 21.18
CA ASN B 39 3.01 -32.59 20.32
C ASN B 39 2.08 -33.73 20.74
N ASN B 40 1.27 -33.54 21.79
CA ASN B 40 0.34 -34.60 22.25
C ASN B 40 -0.31 -35.31 21.06
N PRO B 41 0.01 -36.62 20.86
CA PRO B 41 -0.52 -37.40 19.75
C PRO B 41 -1.98 -37.21 19.35
N ASN B 42 -2.90 -37.15 20.31
CA ASN B 42 -4.30 -36.95 19.91
C ASN B 42 -4.76 -35.49 19.80
N GLY B 43 -3.78 -34.57 19.86
CA GLY B 43 -4.06 -33.15 19.74
C GLY B 43 -4.51 -32.46 21.02
N HIS B 44 -4.94 -31.20 20.84
CA HIS B 44 -5.46 -30.34 21.88
C HIS B 44 -6.10 -29.15 21.11
N GLY B 45 -6.67 -28.17 21.81
CA GLY B 45 -7.30 -27.08 21.08
C GLY B 45 -7.33 -25.68 21.67
N HIS B 46 -7.98 -24.78 20.95
CA HIS B 46 -8.08 -23.36 21.36
C HIS B 46 -9.28 -22.65 20.82
N ASN B 47 -9.58 -21.57 21.51
CA ASN B 47 -10.63 -20.66 21.13
C ASN B 47 -9.76 -19.54 20.57
N TYR B 48 -9.49 -19.56 19.26
CA TYR B 48 -8.65 -18.53 18.66
C TYR B 48 -9.40 -17.23 18.52
N LYS B 49 -8.71 -16.10 18.70
CA LYS B 49 -9.32 -14.78 18.48
C LYS B 49 -8.49 -14.16 17.34
N VAL B 50 -9.17 -13.61 16.34
CA VAL B 50 -8.51 -12.98 15.18
C VAL B 50 -9.03 -11.55 14.94
N VAL B 51 -8.10 -10.61 14.86
CA VAL B 51 -8.46 -9.22 14.56
C VAL B 51 -7.92 -8.93 13.16
N VAL B 52 -8.82 -8.56 12.26
CA VAL B 52 -8.45 -8.21 10.89
C VAL B 52 -8.60 -6.71 10.77
N THR B 53 -7.56 -6.05 10.26
CA THR B 53 -7.56 -4.60 10.06
C THR B 53 -7.38 -4.27 8.60
N ILE B 54 -8.25 -3.39 8.10
CA ILE B 54 -8.16 -2.93 6.73
C ILE B 54 -7.97 -1.40 6.84
N HIS B 55 -7.43 -0.76 5.82
CA HIS B 55 -7.27 0.68 5.89
C HIS B 55 -7.61 1.29 4.56
N GLY B 56 -7.87 2.59 4.57
CA GLY B 56 -8.23 3.29 3.35
C GLY B 56 -8.89 4.59 3.69
N GLU B 57 -9.50 5.22 2.70
CA GLU B 57 -10.16 6.50 2.91
C GLU B 57 -11.54 6.40 3.51
N ILE B 58 -11.89 7.39 4.32
CA ILE B 58 -13.22 7.44 4.91
C ILE B 58 -14.11 8.06 3.82
N ASP B 59 -15.12 7.32 3.37
CA ASP B 59 -16.02 7.83 2.33
C ASP B 59 -16.71 9.10 2.80
N PRO B 60 -16.70 10.18 1.98
CA PRO B 60 -17.32 11.47 2.32
C PRO B 60 -18.83 11.46 2.46
N VAL B 61 -19.50 10.46 1.90
CA VAL B 61 -20.94 10.39 2.07
C VAL B 61 -21.32 9.37 3.18
N THR B 62 -20.85 8.14 3.10
CA THR B 62 -21.19 7.14 4.12
C THR B 62 -20.36 7.20 5.39
N GLY B 63 -19.16 7.75 5.29
CA GLY B 63 -18.28 7.84 6.47
C GLY B 63 -17.64 6.52 6.86
N MET B 64 -17.64 5.56 5.93
CA MET B 64 -17.07 4.24 6.17
C MET B 64 -15.85 3.98 5.30
N VAL B 65 -14.84 3.33 5.87
CA VAL B 65 -13.62 2.96 5.14
C VAL B 65 -14.05 1.74 4.28
N MET B 66 -14.92 0.92 4.85
CA MET B 66 -15.49 -0.25 4.20
C MET B 66 -16.64 -0.52 5.15
N ASN B 67 -17.74 -1.02 4.60
CA ASN B 67 -18.89 -1.33 5.41
C ASN B 67 -18.56 -2.58 6.24
N LEU B 68 -18.74 -2.52 7.55
CA LEU B 68 -18.43 -3.68 8.38
C LEU B 68 -19.16 -4.93 7.91
N THR B 69 -20.36 -4.75 7.35
CA THR B 69 -21.19 -5.83 6.79
C THR B 69 -20.39 -6.63 5.77
N ASP B 70 -19.70 -5.90 4.90
CA ASP B 70 -18.86 -6.52 3.88
C ASP B 70 -17.60 -7.14 4.48
N LEU B 71 -16.99 -6.50 5.48
CA LEU B 71 -15.78 -7.08 6.11
C LEU B 71 -16.16 -8.38 6.83
N LYS B 72 -17.34 -8.40 7.47
CA LYS B 72 -17.84 -9.57 8.16
C LYS B 72 -17.99 -10.72 7.16
N GLU B 73 -18.59 -10.43 6.00
CA GLU B 73 -18.77 -11.44 4.96
C GLU B 73 -17.44 -11.98 4.48
N TYR B 74 -16.46 -11.09 4.29
CA TYR B 74 -15.12 -11.50 3.88
C TYR B 74 -14.47 -12.44 4.92
N MET B 75 -14.60 -12.08 6.20
CA MET B 75 -14.03 -12.86 7.27
C MET B 75 -14.72 -14.20 7.46
N GLU B 76 -16.00 -14.28 7.11
CA GLU B 76 -16.75 -15.53 7.21
C GLU B 76 -16.21 -16.54 6.18
N GLU B 77 -15.94 -16.06 4.97
CA GLU B 77 -15.41 -16.87 3.90
C GLU B 77 -13.94 -17.22 4.09
N ALA B 78 -13.15 -16.27 4.60
CA ALA B 78 -11.72 -16.49 4.82
C ALA B 78 -11.33 -17.17 6.12
N ILE B 79 -12.13 -16.98 7.17
CA ILE B 79 -11.77 -17.56 8.46
C ILE B 79 -12.76 -18.58 9.01
N MET B 80 -14.00 -18.16 9.17
CA MET B 80 -15.02 -19.02 9.76
C MET B 80 -15.32 -20.30 8.99
N LYS B 81 -15.69 -20.20 7.71
CA LYS B 81 -15.99 -21.42 6.92
C LYS B 81 -14.87 -22.44 6.97
N PRO B 82 -13.65 -22.05 6.60
CA PRO B 82 -12.60 -23.07 6.65
C PRO B 82 -12.03 -23.50 8.00
N LEU B 83 -12.09 -22.64 9.01
CA LEU B 83 -11.48 -22.99 10.29
C LEU B 83 -12.34 -23.29 11.52
N ASP B 84 -13.53 -22.69 11.59
CA ASP B 84 -14.37 -22.86 12.76
C ASP B 84 -14.90 -24.28 13.00
N HIS B 85 -14.61 -24.82 14.17
CA HIS B 85 -15.01 -26.18 14.57
C HIS B 85 -14.38 -27.22 13.64
N LYS B 86 -13.07 -27.06 13.45
CA LYS B 86 -12.29 -27.92 12.59
C LYS B 86 -10.98 -28.32 13.26
N ASN B 87 -10.36 -29.34 12.69
CA ASN B 87 -9.08 -29.89 13.13
C ASN B 87 -8.17 -29.31 12.04
N LEU B 88 -7.28 -28.41 12.43
CA LEU B 88 -6.37 -27.74 11.50
C LEU B 88 -5.56 -28.67 10.58
N ASP B 89 -4.90 -29.63 11.19
CA ASP B 89 -4.06 -30.53 10.44
C ASP B 89 -4.74 -31.55 9.56
N LEU B 90 -5.97 -31.94 9.89
CA LEU B 90 -6.70 -32.95 9.14
C LEU B 90 -7.81 -32.46 8.25
N ASP B 91 -8.37 -31.29 8.57
CA ASP B 91 -9.50 -30.75 7.82
C ASP B 91 -9.22 -29.62 6.85
N VAL B 92 -8.03 -29.01 6.95
CA VAL B 92 -7.70 -27.91 6.03
C VAL B 92 -6.45 -28.29 5.26
N PRO B 93 -6.61 -28.49 3.93
CA PRO B 93 -5.54 -28.88 2.99
C PRO B 93 -4.21 -28.21 3.25
N TYR B 94 -4.23 -26.90 3.46
CA TYR B 94 -3.03 -26.10 3.73
C TYR B 94 -2.06 -26.68 4.80
N PHE B 95 -2.62 -27.15 5.90
CA PHE B 95 -1.79 -27.66 6.99
C PHE B 95 -1.33 -29.11 6.85
N ALA B 96 -1.53 -29.70 5.67
CA ALA B 96 -1.08 -31.08 5.43
C ALA B 96 0.44 -31.12 5.50
N ASP B 97 1.09 -30.12 4.92
CA ASP B 97 2.57 -30.07 4.91
C ASP B 97 3.15 -28.79 5.54
N VAL B 98 2.37 -28.16 6.41
CA VAL B 98 2.75 -26.93 7.09
C VAL B 98 2.35 -27.05 8.55
N VAL B 99 3.31 -26.89 9.46
CA VAL B 99 3.07 -26.97 10.90
C VAL B 99 2.06 -25.87 11.33
N SER B 100 1.02 -26.26 12.06
CA SER B 100 0.00 -25.31 12.50
C SER B 100 0.32 -24.37 13.69
N THR B 101 1.46 -23.69 13.65
CA THR B 101 1.80 -22.75 14.72
C THR B 101 0.89 -21.53 14.57
N THR B 102 0.84 -20.67 15.59
CA THR B 102 0.04 -19.45 15.52
C THR B 102 0.52 -18.61 14.33
N GLU B 103 1.85 -18.61 14.12
CA GLU B 103 2.46 -17.88 13.01
C GLU B 103 1.86 -18.36 11.69
N ASN B 104 1.83 -19.68 11.47
CA ASN B 104 1.28 -20.23 10.21
C ASN B 104 -0.22 -20.05 10.04
N VAL B 105 -0.93 -19.97 11.15
CA VAL B 105 -2.37 -19.72 11.10
C VAL B 105 -2.60 -18.26 10.66
N ALA B 106 -1.76 -17.34 11.16
CA ALA B 106 -1.89 -15.93 10.77
C ALA B 106 -1.61 -15.76 9.27
N VAL B 107 -0.58 -16.47 8.80
CA VAL B 107 -0.19 -16.45 7.39
C VAL B 107 -1.30 -17.04 6.54
N TYR B 108 -1.82 -18.19 6.94
CA TYR B 108 -2.93 -18.80 6.20
C TYR B 108 -4.12 -17.82 6.08
N ILE B 109 -4.49 -17.18 7.18
CA ILE B 109 -5.60 -16.23 7.16
C ILE B 109 -5.29 -15.02 6.25
N TRP B 110 -4.05 -14.49 6.33
CA TRP B 110 -3.64 -13.38 5.48
C TRP B 110 -3.84 -13.74 4.00
N GLU B 111 -3.31 -14.89 3.57
CA GLU B 111 -3.44 -15.32 2.18
C GLU B 111 -4.90 -15.50 1.75
N ASN B 112 -5.73 -16.08 2.63
CA ASN B 112 -7.15 -16.26 2.32
C ASN B 112 -7.85 -14.93 2.05
N LEU B 113 -7.59 -13.95 2.91
CA LEU B 113 -8.20 -12.63 2.80
C LEU B 113 -7.70 -11.91 1.57
N GLN B 114 -6.41 -12.07 1.26
CA GLN B 114 -5.85 -11.43 0.08
C GLN B 114 -6.55 -11.85 -1.23
N ARG B 115 -6.98 -13.11 -1.32
CA ARG B 115 -7.70 -13.58 -2.49
C ARG B 115 -9.07 -12.89 -2.65
N LEU B 116 -9.71 -12.52 -1.53
CA LEU B 116 -11.03 -11.90 -1.54
C LEU B 116 -11.10 -10.39 -1.57
N LEU B 117 -10.25 -9.75 -0.76
CA LEU B 117 -10.22 -8.31 -0.58
C LEU B 117 -9.74 -7.42 -1.74
N PRO B 118 -10.20 -6.15 -1.75
CA PRO B 118 -9.79 -5.20 -2.77
C PRO B 118 -8.29 -5.03 -2.63
N VAL B 119 -7.61 -4.85 -3.75
CA VAL B 119 -6.16 -4.66 -3.71
C VAL B 119 -5.80 -3.54 -2.72
N GLY B 120 -4.81 -3.80 -1.87
CA GLY B 120 -4.34 -2.82 -0.92
C GLY B 120 -5.20 -2.61 0.31
N ALA B 121 -6.35 -3.24 0.37
CA ALA B 121 -7.20 -3.05 1.55
C ALA B 121 -6.61 -3.63 2.89
N LEU B 122 -6.05 -4.83 2.84
CA LEU B 122 -5.52 -5.49 4.02
C LEU B 122 -4.26 -4.87 4.63
N TYR B 123 -4.32 -4.58 5.93
CA TYR B 123 -3.19 -3.98 6.62
C TYR B 123 -2.58 -4.94 7.64
N LYS B 124 -3.41 -5.68 8.35
CA LYS B 124 -2.89 -6.57 9.40
C LYS B 124 -3.81 -7.71 9.82
N VAL B 125 -3.21 -8.82 10.23
CA VAL B 125 -3.93 -9.97 10.75
C VAL B 125 -3.31 -10.27 12.12
N LYS B 126 -4.15 -10.28 13.16
CA LYS B 126 -3.67 -10.57 14.51
C LYS B 126 -4.39 -11.80 15.05
N VAL B 127 -3.63 -12.79 15.50
CA VAL B 127 -4.20 -14.03 16.01
C VAL B 127 -3.78 -14.28 17.47
N TYR B 128 -4.74 -14.43 18.37
CA TYR B 128 -4.45 -14.76 19.78
C TYR B 128 -4.73 -16.25 19.88
N GLU B 129 -3.69 -17.06 20.05
CA GLU B 129 -3.87 -18.51 20.18
C GLU B 129 -4.50 -18.70 21.56
N THR B 130 -4.02 -17.92 22.53
CA THR B 130 -4.56 -17.87 23.89
C THR B 130 -4.42 -16.37 24.22
N ASP B 131 -4.81 -15.98 25.43
CA ASP B 131 -4.70 -14.56 25.82
C ASP B 131 -3.26 -14.11 25.91
N ASN B 132 -2.37 -15.05 26.19
CA ASN B 132 -0.95 -14.78 26.38
C ASN B 132 -0.04 -15.09 25.21
N ASN B 133 -0.55 -15.75 24.16
CA ASN B 133 0.25 -16.10 22.99
C ASN B 133 -0.36 -15.44 21.77
N ILE B 134 0.32 -14.42 21.23
CA ILE B 134 -0.20 -13.64 20.11
C ILE B 134 0.78 -13.48 18.93
N VAL B 135 0.23 -13.49 17.72
CA VAL B 135 1.03 -13.29 16.53
C VAL B 135 0.39 -12.22 15.64
N VAL B 136 1.21 -11.32 15.13
CA VAL B 136 0.76 -10.29 14.21
C VAL B 136 1.51 -10.55 12.90
N TYR B 137 0.78 -10.52 11.78
CA TYR B 137 1.37 -10.71 10.45
C TYR B 137 0.87 -9.55 9.58
N LYS B 138 1.80 -8.93 8.84
CA LYS B 138 1.46 -7.79 7.99
C LYS B 138 1.90 -8.00 6.54
N GLY B 139 2.06 -9.25 6.12
CA GLY B 139 2.48 -9.55 4.77
C GLY B 139 3.97 -9.40 4.47
N GLU B 140 4.83 -9.34 5.50
CA GLU B 140 6.29 -9.13 5.30
C GLU B 140 7.16 -10.37 5.28
ZN ZN C . 10.01 29.07 -10.51
ZN ZN D . -1.81 -25.33 20.35
#